data_4C7G
#
_entry.id   4C7G
#
_cell.length_a   58.170
_cell.length_b   64.450
_cell.length_c   143.670
_cell.angle_alpha   90.00
_cell.angle_beta   90.00
_cell.angle_gamma   90.00
#
_symmetry.space_group_name_H-M   'P 21 21 21'
#
loop_
_entity.id
_entity.type
_entity.pdbx_description
1 polymer BETA-N-ACETYLHEXOSAMINIDASE
2 non-polymer 2-METHYL-4,5-DIHYDRO-(1,2-DIDEOXY-ALPHA-D-GLUCOPYRANOSO)[2,1-D]-1,3-OXAZOLE
3 non-polymer 1,2-ETHANEDIOL
4 water water
#
_entity_poly.entity_id   1
_entity_poly.type   'polypeptide(L)'
_entity_poly.pdbx_seq_one_letter_code
;AEPTPLDRVIPAPASVEPGGAPYRITRGTHIRVDDSREARRVGDYLADLLRPATGYRLPVTSHGHGGIRLRLAEGPYGDE
GYRLDSGREGVTITARKAAGLFHGVQTLRQLLPAAVEKDSAQPGPWLVAGGTIEDTPRYAWRSAMLDVSRHFFSVDEVKR
YIDRVALYKYNKLHLHISDDQGWRLAIDSWPRLATYGGSTEVGGGPGGHYTKADYEEIVRYAASRHLEVVPEIDMPGHTN
AALASYAELNCDGVAPPLYTGTKVGFSTLCVDKDVTYDFVDDVLGELAALTPGRYLHIGGDQAHSTPQADFVAFMKRVQP
IVAKYGKTVVGWHQLAGAEPVEGALVQYWGLDRTSDAEKAQVAAAARNGTGLILSPADRTYLDMKYTKDTPLGLSWAGYV
EVRRSYDWDPAAYLPGAPAEAVRGVEAPLWTETLSDPDQLDFMAFPRLPGVAELGWSPASTHDWDTYKVRLAGQAPHWEA
MGIDYYRSPQVPWT
;
_entity_poly.pdbx_strand_id   A
#
# COMPACT_ATOMS: atom_id res chain seq x y z
N ALA A 1 -19.45 6.70 -27.35
CA ALA A 1 -20.91 6.75 -27.55
C ALA A 1 -21.65 6.10 -26.37
N GLU A 2 -21.07 5.03 -25.81
CA GLU A 2 -21.69 4.25 -24.70
C GLU A 2 -20.83 4.32 -23.44
N PRO A 3 -21.44 4.58 -22.26
CA PRO A 3 -20.58 4.56 -21.03
C PRO A 3 -19.99 3.13 -20.75
N THR A 4 -18.84 3.06 -20.07
CA THR A 4 -18.34 1.84 -19.44
C THR A 4 -19.44 1.33 -18.45
N PRO A 5 -19.68 0.01 -18.37
CA PRO A 5 -20.72 -0.43 -17.41
C PRO A 5 -20.42 -0.06 -15.97
N LEU A 6 -21.47 0.18 -15.20
CA LEU A 6 -21.34 0.68 -13.84
C LEU A 6 -20.54 -0.26 -12.90
N ASP A 7 -20.53 -1.55 -13.22
CA ASP A 7 -19.83 -2.52 -12.42
C ASP A 7 -18.37 -2.77 -12.78
N ARG A 8 -17.88 -2.14 -13.87
CA ARG A 8 -16.52 -2.42 -14.33
CA ARG A 8 -16.53 -2.39 -14.33
C ARG A 8 -15.58 -1.49 -13.58
N VAL A 9 -15.38 -1.82 -12.30
CA VAL A 9 -14.59 -1.02 -11.37
C VAL A 9 -13.74 -2.03 -10.60
N ILE A 10 -12.47 -1.67 -10.30
CA ILE A 10 -11.69 -2.47 -9.31
C ILE A 10 -11.22 -1.56 -8.16
N PRO A 11 -11.45 -1.95 -6.88
CA PRO A 11 -12.12 -3.20 -6.46
C PRO A 11 -13.62 -3.23 -6.88
N ALA A 12 -14.08 -4.44 -7.17
CA ALA A 12 -15.53 -4.71 -7.38
C ALA A 12 -16.30 -4.01 -6.24
N PRO A 13 -17.30 -3.14 -6.56
CA PRO A 13 -18.02 -2.49 -5.46
C PRO A 13 -18.98 -3.42 -4.75
N ALA A 14 -19.28 -3.11 -3.50
CA ALA A 14 -20.11 -4.06 -2.69
C ALA A 14 -21.51 -4.21 -3.32
N SER A 15 -22.03 -3.13 -3.88
CA SER A 15 -23.38 -3.22 -4.47
C SER A 15 -23.42 -2.35 -5.75
N VAL A 16 -23.86 -2.91 -6.87
CA VAL A 16 -23.98 -2.14 -8.11
C VAL A 16 -25.38 -2.29 -8.70
N GLU A 17 -26.11 -1.17 -8.87
CA GLU A 17 -27.48 -1.23 -9.45
C GLU A 17 -27.54 -0.30 -10.64
N PRO A 18 -27.27 -0.82 -11.86
CA PRO A 18 -27.25 0.06 -13.02
C PRO A 18 -28.68 0.43 -13.39
N GLY A 19 -28.88 1.61 -13.94
CA GLY A 19 -30.22 1.98 -14.46
C GLY A 19 -30.21 3.41 -14.97
N GLY A 20 -31.07 3.70 -15.95
CA GLY A 20 -31.28 5.08 -16.39
C GLY A 20 -30.17 5.50 -17.35
N ALA A 21 -30.30 6.69 -17.89
CA ALA A 21 -29.33 7.24 -18.81
C ALA A 21 -28.11 7.68 -18.02
N PRO A 22 -26.98 7.81 -18.71
CA PRO A 22 -25.72 8.25 -18.09
C PRO A 22 -25.71 9.73 -17.78
N TYR A 23 -24.80 10.17 -16.90
CA TYR A 23 -24.43 11.57 -16.88
C TYR A 23 -23.36 11.88 -17.97
N ARG A 24 -23.45 13.07 -18.56
CA ARG A 24 -22.39 13.54 -19.48
C ARG A 24 -21.78 14.77 -18.84
N ILE A 25 -20.49 14.69 -18.48
CA ILE A 25 -19.81 15.89 -18.03
C ILE A 25 -19.58 16.82 -19.24
N THR A 26 -19.91 18.11 -19.08
CA THR A 26 -19.76 19.07 -20.22
C THR A 26 -19.17 20.35 -19.68
N ARG A 27 -18.94 21.35 -20.54
CA ARG A 27 -18.33 22.60 -20.06
C ARG A 27 -19.12 23.37 -19.04
N GLY A 28 -20.40 23.05 -18.92
CA GLY A 28 -21.23 23.68 -17.87
C GLY A 28 -21.14 22.96 -16.51
N THR A 29 -20.53 21.76 -16.49
CA THR A 29 -20.48 21.01 -15.19
C THR A 29 -19.69 21.72 -14.11
N HIS A 30 -20.29 21.82 -12.93
CA HIS A 30 -19.57 22.28 -11.75
C HIS A 30 -19.31 21.11 -10.76
N ILE A 31 -18.41 21.31 -9.82
CA ILE A 31 -18.18 20.33 -8.71
C ILE A 31 -18.65 21.01 -7.45
N ARG A 32 -19.72 20.49 -6.84
CA ARG A 32 -20.31 21.19 -5.71
C ARG A 32 -19.93 20.48 -4.41
N VAL A 33 -19.57 21.26 -3.40
CA VAL A 33 -19.05 20.72 -2.14
C VAL A 33 -19.74 21.31 -0.91
N ASP A 34 -20.79 22.11 -1.16
CA ASP A 34 -21.55 22.74 -0.06
C ASP A 34 -20.56 23.59 0.78
N ASP A 35 -20.71 23.55 2.10
CA ASP A 35 -19.86 24.40 2.92
C ASP A 35 -18.79 23.64 3.68
N SER A 36 -18.52 22.41 3.25
CA SER A 36 -17.54 21.59 3.95
C SER A 36 -16.10 21.85 3.43
N ARG A 37 -15.19 22.26 4.31
CA ARG A 37 -13.76 22.44 3.92
C ARG A 37 -13.11 21.06 3.58
N GLU A 38 -13.55 20.03 4.30
CA GLU A 38 -13.10 18.66 4.05
CA GLU A 38 -13.15 18.65 4.06
C GLU A 38 -13.54 18.25 2.63
N ALA A 39 -14.82 18.49 2.28
CA ALA A 39 -15.31 18.10 0.97
C ALA A 39 -14.64 18.99 -0.12
N ARG A 40 -14.30 20.23 0.23
CA ARG A 40 -13.69 21.13 -0.71
C ARG A 40 -12.30 20.67 -1.12
N ARG A 41 -11.51 20.15 -0.17
CA ARG A 41 -10.25 19.46 -0.58
C ARG A 41 -10.49 18.31 -1.57
N VAL A 42 -11.53 17.49 -1.37
CA VAL A 42 -11.78 16.39 -2.31
C VAL A 42 -12.23 16.96 -3.65
N GLY A 43 -13.09 17.99 -3.60
CA GLY A 43 -13.55 18.68 -4.85
C GLY A 43 -12.36 19.22 -5.67
N ASP A 44 -11.44 19.88 -4.98
CA ASP A 44 -10.23 20.41 -5.68
C ASP A 44 -9.37 19.31 -6.30
N TYR A 45 -9.24 18.19 -5.59
CA TYR A 45 -8.53 17.02 -6.11
C TYR A 45 -9.26 16.47 -7.37
N LEU A 46 -10.59 16.32 -7.27
CA LEU A 46 -11.33 15.87 -8.45
C LEU A 46 -11.16 16.88 -9.66
N ALA A 47 -11.28 18.16 -9.41
CA ALA A 47 -11.12 19.18 -10.48
C ALA A 47 -9.70 19.08 -11.11
N ASP A 48 -8.71 18.90 -10.26
CA ASP A 48 -7.34 18.61 -10.75
C ASP A 48 -7.22 17.41 -11.67
N LEU A 49 -7.87 16.30 -11.32
CA LEU A 49 -7.91 15.13 -12.16
C LEU A 49 -8.55 15.32 -13.52
N LEU A 50 -9.62 16.12 -13.58
CA LEU A 50 -10.47 16.22 -14.76
C LEU A 50 -10.14 17.35 -15.68
N ARG A 51 -9.62 18.44 -15.17
CA ARG A 51 -9.42 19.66 -15.97
C ARG A 51 -8.50 19.43 -17.21
N PRO A 52 -7.40 18.66 -17.02
CA PRO A 52 -6.52 18.59 -18.22
C PRO A 52 -7.17 17.93 -19.45
N ALA A 53 -7.78 16.76 -19.29
CA ALA A 53 -8.27 16.05 -20.44
C ALA A 53 -9.58 16.65 -20.91
N THR A 54 -10.39 17.18 -19.98
CA THR A 54 -11.70 17.75 -20.46
C THR A 54 -11.47 19.11 -21.10
N GLY A 55 -10.57 19.90 -20.55
CA GLY A 55 -10.42 21.30 -20.93
C GLY A 55 -11.51 22.18 -20.32
N TYR A 56 -12.33 21.61 -19.41
CA TYR A 56 -13.42 22.37 -18.78
C TYR A 56 -12.95 23.15 -17.56
N ARG A 57 -13.62 24.25 -17.25
CA ARG A 57 -13.26 25.08 -16.11
C ARG A 57 -13.51 24.26 -14.83
N LEU A 58 -14.65 23.53 -14.76
CA LEU A 58 -14.97 22.72 -13.53
C LEU A 58 -14.70 23.46 -12.22
N PRO A 59 -15.41 24.61 -12.01
CA PRO A 59 -15.21 25.34 -10.75
C PRO A 59 -15.73 24.50 -9.58
N VAL A 60 -15.09 24.65 -8.42
CA VAL A 60 -15.53 23.93 -7.20
C VAL A 60 -16.33 24.95 -6.37
N THR A 61 -17.61 24.68 -6.14
CA THR A 61 -18.54 25.76 -5.71
C THR A 61 -19.28 25.18 -4.51
N SER A 62 -19.76 26.05 -3.60
CA SER A 62 -20.62 25.60 -2.51
C SER A 62 -22.03 25.29 -2.97
N HIS A 63 -22.62 26.19 -3.73
CA HIS A 63 -24.01 26.02 -4.18
C HIS A 63 -24.01 25.53 -5.63
N GLY A 64 -25.18 25.12 -6.09
CA GLY A 64 -25.36 24.83 -7.52
C GLY A 64 -26.51 23.86 -7.74
N HIS A 65 -26.65 23.37 -8.95
CA HIS A 65 -27.82 22.57 -9.33
C HIS A 65 -27.35 21.66 -10.41
N GLY A 66 -27.57 20.35 -10.24
CA GLY A 66 -27.09 19.38 -11.22
C GLY A 66 -25.55 19.23 -11.11
N GLY A 67 -24.93 18.60 -12.09
CA GLY A 67 -23.42 18.52 -12.08
C GLY A 67 -22.92 17.45 -11.11
N ILE A 68 -21.69 17.63 -10.60
CA ILE A 68 -21.07 16.65 -9.72
C ILE A 68 -21.15 17.21 -8.31
N ARG A 69 -21.74 16.44 -7.41
CA ARG A 69 -21.84 16.88 -6.05
C ARG A 69 -21.14 15.88 -5.14
N LEU A 70 -20.35 16.41 -4.23
CA LEU A 70 -19.69 15.60 -3.20
C LEU A 70 -20.34 16.00 -1.87
N ARG A 71 -21.02 15.08 -1.22
CA ARG A 71 -21.86 15.46 -0.06
C ARG A 71 -21.40 14.66 1.15
N LEU A 72 -21.07 15.34 2.26
CA LEU A 72 -20.84 14.65 3.55
C LEU A 72 -22.19 14.52 4.31
N ALA A 73 -22.58 13.29 4.68
CA ALA A 73 -23.84 13.12 5.36
C ALA A 73 -23.74 11.90 6.21
N GLU A 74 -24.54 11.87 7.27
CA GLU A 74 -24.70 10.65 8.03
C GLU A 74 -25.25 9.60 7.10
N GLY A 75 -24.85 8.36 7.28
CA GLY A 75 -25.30 7.31 6.39
C GLY A 75 -24.59 6.05 6.83
N PRO A 76 -24.89 4.91 6.16
CA PRO A 76 -24.45 3.59 6.59
C PRO A 76 -23.12 3.12 5.97
N TYR A 77 -22.26 4.05 5.58
CA TYR A 77 -21.05 3.79 4.79
CA TYR A 77 -21.09 3.57 4.83
C TYR A 77 -19.76 3.66 5.60
N GLY A 78 -19.85 3.75 6.95
CA GLY A 78 -18.64 3.70 7.80
C GLY A 78 -17.61 4.79 7.47
N ASP A 79 -16.34 4.57 7.83
CA ASP A 79 -15.38 5.64 7.72
C ASP A 79 -14.77 5.74 6.30
N GLU A 80 -14.99 4.74 5.48
CA GLU A 80 -14.31 4.67 4.16
C GLU A 80 -15.26 4.46 3.00
N GLY A 81 -16.52 4.11 3.29
CA GLY A 81 -17.43 3.81 2.20
C GLY A 81 -18.17 5.04 1.68
N TYR A 82 -18.99 4.83 0.67
CA TYR A 82 -19.70 5.92 -0.03
C TYR A 82 -20.81 5.30 -0.84
N ARG A 83 -21.70 6.19 -1.33
CA ARG A 83 -22.68 5.91 -2.34
C ARG A 83 -22.40 6.86 -3.53
N LEU A 84 -22.57 6.34 -4.71
CA LEU A 84 -22.40 7.10 -5.94
C LEU A 84 -23.67 6.92 -6.77
N ASP A 85 -24.33 8.06 -7.00
CA ASP A 85 -25.54 8.12 -7.80
C ASP A 85 -25.23 8.87 -9.09
N SER A 86 -25.59 8.30 -10.23
CA SER A 86 -25.39 8.90 -11.54
C SER A 86 -26.63 8.80 -12.42
N GLY A 87 -26.96 9.91 -13.07
CA GLY A 87 -28.01 9.90 -14.09
C GLY A 87 -27.88 11.13 -14.96
N ARG A 88 -28.90 11.40 -15.81
CA ARG A 88 -28.89 12.55 -16.74
CA ARG A 88 -28.79 12.53 -16.75
CA ARG A 88 -28.77 12.54 -16.75
C ARG A 88 -28.55 13.88 -16.07
N GLU A 89 -29.07 14.08 -14.85
CA GLU A 89 -28.93 15.39 -14.16
C GLU A 89 -27.60 15.60 -13.48
N GLY A 90 -26.90 14.51 -13.17
CA GLY A 90 -25.66 14.74 -12.40
C GLY A 90 -25.12 13.48 -11.77
N VAL A 91 -24.05 13.64 -10.97
CA VAL A 91 -23.47 12.51 -10.21
C VAL A 91 -23.31 13.01 -8.82
N THR A 92 -23.75 12.21 -7.81
CA THR A 92 -23.60 12.62 -6.47
C THR A 92 -22.81 11.51 -5.78
N ILE A 93 -21.77 11.91 -5.08
CA ILE A 93 -21.00 10.97 -4.20
C ILE A 93 -21.28 11.39 -2.79
N THR A 94 -21.87 10.47 -2.02
CA THR A 94 -22.16 10.77 -0.61
C THR A 94 -21.34 9.86 0.31
N ALA A 95 -20.83 10.43 1.39
CA ALA A 95 -20.09 9.63 2.41
C ALA A 95 -20.14 10.31 3.76
N ARG A 96 -19.80 9.55 4.82
CA ARG A 96 -19.61 10.11 6.15
C ARG A 96 -18.37 10.98 6.32
N LYS A 97 -17.30 10.70 5.56
CA LYS A 97 -15.98 11.26 5.84
C LYS A 97 -15.28 11.54 4.47
N ALA A 98 -14.27 12.38 4.48
CA ALA A 98 -13.55 12.73 3.29
C ALA A 98 -12.95 11.50 2.61
N ALA A 99 -12.44 10.53 3.39
CA ALA A 99 -11.92 9.32 2.80
C ALA A 99 -12.94 8.59 1.89
N GLY A 100 -14.23 8.56 2.31
CA GLY A 100 -15.25 7.93 1.54
C GLY A 100 -15.50 8.68 0.22
N LEU A 101 -15.55 10.00 0.31
CA LEU A 101 -15.66 10.88 -0.92
C LEU A 101 -14.47 10.55 -1.84
N PHE A 102 -13.27 10.45 -1.23
CA PHE A 102 -12.06 10.16 -2.06
C PHE A 102 -12.17 8.84 -2.73
N HIS A 103 -12.57 7.77 -1.99
CA HIS A 103 -12.81 6.51 -2.65
C HIS A 103 -13.84 6.55 -3.75
N GLY A 104 -14.91 7.32 -3.52
CA GLY A 104 -15.92 7.40 -4.60
C GLY A 104 -15.36 8.08 -5.87
N VAL A 105 -14.49 9.08 -5.68
CA VAL A 105 -13.76 9.72 -6.82
C VAL A 105 -12.94 8.68 -7.54
N GLN A 106 -12.30 7.75 -6.81
CA GLN A 106 -11.50 6.74 -7.52
C GLN A 106 -12.39 5.81 -8.34
N THR A 107 -13.62 5.55 -7.87
CA THR A 107 -14.54 4.79 -8.68
C THR A 107 -14.96 5.61 -9.95
N LEU A 108 -15.32 6.87 -9.72
CA LEU A 108 -15.82 7.75 -10.79
C LEU A 108 -14.76 7.81 -11.92
N ARG A 109 -13.46 7.87 -11.56
CA ARG A 109 -12.48 7.91 -12.62
C ARG A 109 -12.38 6.65 -13.46
N GLN A 110 -12.69 5.48 -12.87
CA GLN A 110 -12.76 4.26 -13.60
C GLN A 110 -13.98 4.18 -14.44
N LEU A 111 -15.07 4.82 -14.03
CA LEU A 111 -16.31 4.83 -14.85
C LEU A 111 -16.15 5.69 -16.12
N LEU A 112 -15.33 6.74 -16.00
CA LEU A 112 -15.11 7.66 -17.14
C LEU A 112 -14.27 7.02 -18.22
N PRO A 113 -14.33 7.53 -19.46
CA PRO A 113 -13.47 7.03 -20.53
C PRO A 113 -11.96 7.12 -20.16
N ALA A 114 -11.17 6.16 -20.63
CA ALA A 114 -9.69 6.17 -20.39
C ALA A 114 -9.03 7.50 -20.77
N ALA A 115 -9.48 8.16 -21.84
CA ALA A 115 -8.92 9.46 -22.22
C ALA A 115 -9.01 10.56 -21.15
N VAL A 116 -9.85 10.37 -20.11
CA VAL A 116 -9.94 11.39 -19.07
C VAL A 116 -8.63 11.52 -18.29
N GLU A 117 -7.82 10.47 -18.39
CA GLU A 117 -6.52 10.43 -17.64
C GLU A 117 -5.42 11.12 -18.42
N LYS A 118 -5.70 11.53 -19.66
CA LYS A 118 -4.66 12.20 -20.50
C LYS A 118 -4.29 13.58 -19.98
N ASP A 119 -3.11 14.10 -20.32
CA ASP A 119 -2.70 15.31 -19.70
C ASP A 119 -2.86 16.50 -20.69
N SER A 120 -3.61 16.32 -21.76
CA SER A 120 -3.94 17.49 -22.58
C SER A 120 -5.37 17.32 -23.06
N ALA A 121 -5.96 18.39 -23.59
CA ALA A 121 -7.38 18.32 -23.98
C ALA A 121 -7.78 17.23 -24.99
N GLN A 122 -8.87 16.53 -24.67
CA GLN A 122 -9.37 15.42 -25.45
C GLN A 122 -10.86 15.68 -25.82
N PRO A 123 -11.39 15.06 -26.91
CA PRO A 123 -12.77 15.37 -27.33
C PRO A 123 -13.85 14.81 -26.39
N GLY A 124 -13.61 13.69 -25.71
CA GLY A 124 -14.78 13.09 -25.01
C GLY A 124 -15.66 12.39 -26.06
N PRO A 125 -16.96 12.16 -25.78
CA PRO A 125 -17.78 12.67 -24.65
C PRO A 125 -17.48 11.99 -23.32
N TRP A 126 -17.82 12.68 -22.24
CA TRP A 126 -17.38 12.25 -20.89
C TRP A 126 -18.55 11.62 -20.15
N LEU A 127 -18.83 10.33 -20.44
CA LEU A 127 -20.05 9.66 -19.94
C LEU A 127 -19.81 8.87 -18.67
N VAL A 128 -20.78 8.88 -17.75
CA VAL A 128 -20.71 8.05 -16.53
C VAL A 128 -22.01 7.23 -16.50
N ALA A 129 -21.90 5.90 -16.56
CA ALA A 129 -23.07 4.99 -16.57
C ALA A 129 -24.09 5.37 -15.51
N GLY A 130 -25.38 5.26 -15.86
CA GLY A 130 -26.41 5.55 -14.88
C GLY A 130 -26.65 4.47 -13.82
N GLY A 131 -26.95 4.90 -12.61
CA GLY A 131 -27.32 3.96 -11.55
C GLY A 131 -26.80 4.33 -10.20
N THR A 132 -26.70 3.34 -9.31
CA THR A 132 -26.31 3.61 -7.96
C THR A 132 -25.29 2.54 -7.55
N ILE A 133 -24.18 2.98 -6.96
CA ILE A 133 -23.18 2.07 -6.34
C ILE A 133 -23.21 2.39 -4.87
N GLU A 134 -23.23 1.36 -4.03
CA GLU A 134 -23.05 1.55 -2.59
C GLU A 134 -21.91 0.62 -2.22
N ASP A 135 -20.92 1.17 -1.55
CA ASP A 135 -19.64 0.47 -1.46
C ASP A 135 -18.98 0.68 -0.08
N THR A 136 -18.54 -0.42 0.55
CA THR A 136 -17.84 -0.34 1.83
C THR A 136 -16.82 -1.47 1.79
N PRO A 137 -15.73 -1.36 2.58
CA PRO A 137 -14.64 -2.31 2.47
C PRO A 137 -14.83 -3.57 3.38
N ARG A 138 -14.29 -4.68 2.94
CA ARG A 138 -14.31 -5.93 3.68
C ARG A 138 -13.30 -5.91 4.81
N TYR A 139 -12.07 -5.47 4.52
CA TYR A 139 -10.98 -5.40 5.52
C TYR A 139 -10.53 -3.96 5.71
N ALA A 140 -10.16 -3.62 6.92
CA ALA A 140 -9.60 -2.32 7.21
C ALA A 140 -8.11 -2.19 6.94
N TRP A 141 -7.37 -3.30 6.89
CA TRP A 141 -5.90 -3.19 6.60
C TRP A 141 -5.71 -3.48 5.10
N ARG A 142 -5.50 -2.45 4.27
CA ARG A 142 -5.34 -2.69 2.83
C ARG A 142 -4.10 -1.88 2.45
N SER A 143 -2.95 -2.56 2.38
CA SER A 143 -1.70 -1.82 2.37
CA SER A 143 -1.66 -1.87 2.40
C SER A 143 -0.79 -2.19 1.21
N ALA A 144 0.08 -1.27 0.83
CA ALA A 144 1.08 -1.54 -0.20
C ALA A 144 2.41 -1.17 0.46
N MET A 145 3.44 -1.96 0.25
CA MET A 145 4.80 -1.67 0.79
C MET A 145 5.73 -1.24 -0.32
N LEU A 146 6.60 -0.25 -0.05
CA LEU A 146 7.70 0.01 -1.00
C LEU A 146 9.04 -0.09 -0.27
N ASP A 147 9.98 -0.84 -0.81
CA ASP A 147 11.34 -0.94 -0.24
C ASP A 147 12.13 0.21 -0.85
N VAL A 148 12.50 1.19 -0.02
CA VAL A 148 13.36 2.27 -0.52
C VAL A 148 14.77 2.09 0.08
N SER A 149 15.00 0.89 0.63
CA SER A 149 16.36 0.56 1.20
C SER A 149 17.27 -0.08 0.15
N ARG A 150 16.78 -1.08 -0.57
CA ARG A 150 17.61 -1.76 -1.57
C ARG A 150 18.03 -0.83 -2.72
N HIS A 151 17.05 -0.16 -3.34
CA HIS A 151 17.36 1.04 -4.16
C HIS A 151 16.54 2.19 -3.56
N PHE A 152 17.15 3.37 -3.50
CA PHE A 152 16.48 4.54 -2.96
C PHE A 152 15.58 5.18 -4.03
N PHE A 153 14.41 5.66 -3.58
CA PHE A 153 13.52 6.39 -4.47
C PHE A 153 13.29 7.76 -3.86
N SER A 154 13.27 8.77 -4.72
CA SER A 154 13.14 10.15 -4.25
C SER A 154 11.74 10.46 -3.68
N VAL A 155 11.62 11.58 -3.01
CA VAL A 155 10.31 12.04 -2.48
C VAL A 155 9.32 12.03 -3.63
N ASP A 156 9.69 12.59 -4.78
CA ASP A 156 8.70 12.66 -5.90
C ASP A 156 8.33 11.27 -6.45
N GLU A 157 9.29 10.37 -6.46
CA GLU A 157 9.00 9.00 -6.91
C GLU A 157 8.10 8.25 -5.90
N VAL A 158 8.31 8.53 -4.61
CA VAL A 158 7.42 7.94 -3.56
C VAL A 158 6.01 8.56 -3.77
N LYS A 159 5.90 9.86 -4.03
CA LYS A 159 4.56 10.48 -4.34
C LYS A 159 3.93 9.82 -5.55
N ARG A 160 4.71 9.54 -6.60
CA ARG A 160 4.15 8.89 -7.75
C ARG A 160 3.59 7.49 -7.39
N TYR A 161 4.36 6.74 -6.59
CA TYR A 161 3.88 5.41 -6.20
C TYR A 161 2.62 5.55 -5.29
N ILE A 162 2.56 6.58 -4.46
CA ILE A 162 1.34 6.88 -3.61
C ILE A 162 0.13 7.08 -4.58
N ASP A 163 0.39 7.72 -5.72
CA ASP A 163 -0.71 8.01 -6.64
C ASP A 163 -1.14 6.74 -7.34
N ARG A 164 -0.22 5.79 -7.54
CA ARG A 164 -0.60 4.50 -8.11
C ARG A 164 -1.45 3.73 -7.15
N VAL A 165 -1.05 3.67 -5.88
CA VAL A 165 -1.83 2.84 -4.96
C VAL A 165 -3.18 3.49 -4.61
N ALA A 166 -3.26 4.83 -4.65
CA ALA A 166 -4.53 5.53 -4.32
C ALA A 166 -5.62 5.18 -5.33
N LEU A 167 -5.24 4.74 -6.55
CA LEU A 167 -6.23 4.41 -7.57
C LEU A 167 -7.17 3.28 -7.12
N TYR A 168 -6.64 2.39 -6.30
CA TYR A 168 -7.39 1.16 -5.96
C TYR A 168 -7.77 1.09 -4.49
N LYS A 169 -7.87 2.23 -3.82
CA LYS A 169 -8.42 2.28 -2.45
C LYS A 169 -7.61 1.58 -1.34
N TYR A 170 -6.30 1.40 -1.59
CA TYR A 170 -5.38 1.08 -0.45
C TYR A 170 -5.51 2.23 0.56
N ASN A 171 -5.42 1.93 1.87
CA ASN A 171 -5.42 2.92 2.89
C ASN A 171 -4.20 2.99 3.74
N LYS A 172 -3.19 2.15 3.44
CA LYS A 172 -1.95 2.23 4.17
C LYS A 172 -0.76 2.04 3.22
N LEU A 173 0.33 2.75 3.54
CA LEU A 173 1.55 2.74 2.76
C LEU A 173 2.65 2.33 3.78
N HIS A 174 3.15 1.13 3.59
CA HIS A 174 4.26 0.58 4.44
C HIS A 174 5.59 0.95 3.78
N LEU A 175 6.45 1.72 4.47
CA LEU A 175 7.70 2.15 3.84
C LEU A 175 8.84 1.43 4.57
N HIS A 176 9.60 0.66 3.82
CA HIS A 176 10.69 -0.12 4.39
C HIS A 176 11.96 0.72 4.22
N ILE A 177 12.26 1.51 5.27
CA ILE A 177 13.21 2.60 5.15
C ILE A 177 14.59 2.23 5.73
N SER A 178 14.74 1.01 6.22
CA SER A 178 16.08 0.58 6.61
C SER A 178 16.32 -0.88 6.24
N ASP A 179 17.53 -1.17 5.79
CA ASP A 179 17.93 -2.58 5.51
C ASP A 179 19.45 -2.70 5.55
N ASP A 180 19.98 -3.77 4.95
CA ASP A 180 21.45 -3.96 4.93
C ASP A 180 22.05 -2.98 3.99
N GLN A 181 21.30 -2.53 2.98
CA GLN A 181 21.94 -1.75 1.91
C GLN A 181 21.65 -0.24 2.03
N GLY A 182 20.91 0.16 3.05
CA GLY A 182 20.63 1.61 3.15
C GLY A 182 19.83 1.94 4.39
N TRP A 183 20.05 3.17 4.86
CA TRP A 183 19.32 3.72 6.02
C TRP A 183 18.74 5.02 5.44
N ARG A 184 17.39 5.15 5.44
CA ARG A 184 16.84 6.20 4.55
C ARG A 184 16.20 7.38 5.28
N LEU A 185 16.39 7.50 6.59
CA LEU A 185 15.78 8.60 7.33
C LEU A 185 16.78 9.29 8.24
N ALA A 186 16.83 10.63 8.16
CA ALA A 186 17.64 11.41 9.13
C ALA A 186 17.21 11.20 10.57
N ILE A 187 18.18 10.82 11.41
CA ILE A 187 17.99 10.67 12.85
C ILE A 187 18.97 11.62 13.53
N ASP A 188 18.43 12.65 14.22
CA ASP A 188 19.28 13.72 14.78
C ASP A 188 20.23 13.17 15.84
N SER A 189 19.73 12.23 16.64
CA SER A 189 20.57 11.66 17.69
C SER A 189 21.65 10.67 17.20
N TRP A 190 21.55 10.19 15.95
CA TRP A 190 22.51 9.27 15.33
C TRP A 190 22.81 9.69 13.92
N PRO A 191 23.54 10.81 13.76
CA PRO A 191 23.50 11.49 12.48
C PRO A 191 24.26 10.78 11.36
N ARG A 192 25.16 9.86 11.69
CA ARG A 192 25.89 9.05 10.73
C ARG A 192 24.97 8.03 10.00
N LEU A 193 23.85 7.63 10.61
CA LEU A 193 22.95 6.65 9.93
C LEU A 193 22.59 7.08 8.55
N ALA A 194 22.10 8.32 8.42
CA ALA A 194 21.66 8.79 7.12
C ALA A 194 22.79 9.14 6.21
N THR A 195 23.80 9.88 6.69
CA THR A 195 24.89 10.31 5.82
C THR A 195 25.76 9.19 5.31
N TYR A 196 26.15 8.27 6.18
CA TYR A 196 27.01 7.14 5.77
C TYR A 196 26.16 5.87 5.46
N GLY A 197 25.27 5.51 6.36
CA GLY A 197 24.40 4.31 6.10
C GLY A 197 23.46 4.52 4.92
N GLY A 198 23.10 5.77 4.59
CA GLY A 198 22.33 6.05 3.39
C GLY A 198 23.13 6.32 2.12
N SER A 199 24.46 6.15 2.20
CA SER A 199 25.28 6.69 1.15
C SER A 199 25.35 5.84 -0.11
N THR A 200 24.83 4.62 -0.03
CA THR A 200 24.85 3.76 -1.20
C THR A 200 23.57 2.91 -1.24
N GLU A 201 23.61 1.84 -2.01
CA GLU A 201 22.39 1.01 -2.25
C GLU A 201 22.86 -0.23 -3.01
N VAL A 202 21.93 -1.17 -3.26
CA VAL A 202 22.30 -2.36 -4.10
C VAL A 202 22.98 -1.91 -5.39
N GLY A 203 24.12 -2.54 -5.72
CA GLY A 203 24.76 -2.17 -6.99
C GLY A 203 25.79 -1.04 -6.85
N GLY A 204 25.85 -0.40 -5.68
CA GLY A 204 26.93 0.54 -5.41
C GLY A 204 26.69 1.95 -5.89
N GLY A 205 25.46 2.25 -6.25
CA GLY A 205 25.09 3.63 -6.72
C GLY A 205 25.08 4.60 -5.55
N PRO A 206 24.78 5.90 -5.78
CA PRO A 206 24.87 6.91 -4.71
C PRO A 206 23.80 6.91 -3.53
N GLY A 207 22.81 6.03 -3.54
CA GLY A 207 21.82 6.00 -2.40
C GLY A 207 21.10 7.35 -2.18
N GLY A 208 20.97 7.80 -0.96
CA GLY A 208 20.18 8.99 -0.64
C GLY A 208 19.43 8.72 0.65
N HIS A 209 18.83 9.75 1.21
CA HIS A 209 17.96 9.56 2.38
C HIS A 209 16.95 10.67 2.39
N TYR A 210 15.91 10.52 3.20
CA TYR A 210 14.90 11.57 3.44
C TYR A 210 15.37 12.37 4.65
N THR A 211 15.47 13.69 4.47
CA THR A 211 15.58 14.58 5.66
C THR A 211 14.26 14.51 6.40
N LYS A 212 14.20 15.04 7.62
CA LYS A 212 12.95 15.00 8.34
C LYS A 212 11.88 15.77 7.57
N ALA A 213 12.27 16.88 6.93
CA ALA A 213 11.30 17.62 6.10
C ALA A 213 10.80 16.84 4.90
N ASP A 214 11.70 16.08 4.26
CA ASP A 214 11.29 15.21 3.14
C ASP A 214 10.28 14.18 3.64
N TYR A 215 10.61 13.57 4.78
CA TYR A 215 9.74 12.52 5.29
C TYR A 215 8.36 13.09 5.66
N GLU A 216 8.35 14.26 6.30
CA GLU A 216 7.08 14.91 6.65
C GLU A 216 6.28 15.17 5.39
N GLU A 217 6.95 15.57 4.33
CA GLU A 217 6.27 15.85 3.06
C GLU A 217 5.68 14.54 2.46
N ILE A 218 6.43 13.45 2.52
CA ILE A 218 5.86 12.16 2.10
C ILE A 218 4.62 11.83 2.94
N VAL A 219 4.72 12.04 4.26
CA VAL A 219 3.56 11.69 5.12
C VAL A 219 2.32 12.56 4.77
N ARG A 220 2.56 13.85 4.61
CA ARG A 220 1.51 14.80 4.31
C ARG A 220 0.85 14.47 2.97
N TYR A 221 1.66 14.16 1.97
CA TYR A 221 1.10 13.80 0.66
C TYR A 221 0.34 12.49 0.73
N ALA A 222 0.90 11.52 1.43
CA ALA A 222 0.18 10.25 1.61
C ALA A 222 -1.21 10.50 2.25
N ALA A 223 -1.25 11.36 3.27
CA ALA A 223 -2.52 11.60 4.03
C ALA A 223 -3.53 12.26 3.08
N SER A 224 -3.01 13.11 2.18
CA SER A 224 -3.90 13.78 1.22
C SER A 224 -4.47 12.81 0.22
N ARG A 225 -3.84 11.65 0.10
CA ARG A 225 -4.41 10.58 -0.67
C ARG A 225 -4.96 9.46 0.23
N HIS A 226 -5.25 9.78 1.48
CA HIS A 226 -5.92 8.86 2.40
C HIS A 226 -5.16 7.54 2.63
N LEU A 227 -3.82 7.67 2.64
CA LEU A 227 -2.93 6.58 3.05
C LEU A 227 -2.29 6.92 4.40
N GLU A 228 -2.42 5.97 5.34
CA GLU A 228 -1.77 6.14 6.64
C GLU A 228 -0.37 5.52 6.45
N VAL A 229 0.70 6.25 6.77
CA VAL A 229 2.04 5.74 6.56
C VAL A 229 2.48 4.87 7.75
N VAL A 230 2.93 3.66 7.40
CA VAL A 230 3.43 2.66 8.35
C VAL A 230 4.95 2.51 8.11
N PRO A 231 5.77 3.22 8.89
CA PRO A 231 7.19 3.09 8.65
C PRO A 231 7.76 1.80 9.30
N GLU A 232 8.81 1.26 8.68
CA GLU A 232 9.50 0.07 9.22
C GLU A 232 10.97 0.35 9.44
N ILE A 233 11.47 0.13 10.66
CA ILE A 233 12.91 0.07 10.90
C ILE A 233 13.13 -1.41 11.24
N ASP A 234 13.77 -2.15 10.34
CA ASP A 234 13.73 -3.63 10.49
C ASP A 234 14.76 -3.93 11.61
N MET A 235 14.41 -4.81 12.53
CA MET A 235 15.41 -5.23 13.55
C MET A 235 14.99 -6.59 14.10
N PRO A 236 15.93 -7.37 14.66
CA PRO A 236 17.30 -7.12 14.84
C PRO A 236 18.14 -7.50 13.61
N GLY A 237 17.49 -8.13 12.63
CA GLY A 237 18.23 -8.52 11.42
C GLY A 237 18.06 -7.41 10.36
N HIS A 238 18.70 -7.56 9.20
CA HIS A 238 18.57 -6.52 8.14
C HIS A 238 19.03 -5.14 8.61
N THR A 239 20.11 -5.16 9.40
CA THR A 239 20.60 -3.95 10.06
C THR A 239 21.99 -3.55 9.65
N ASN A 240 22.49 -4.04 8.53
CA ASN A 240 23.90 -3.73 8.21
C ASN A 240 24.15 -2.20 8.05
N ALA A 241 23.18 -1.44 7.52
CA ALA A 241 23.47 -0.02 7.28
C ALA A 241 23.72 0.67 8.60
N ALA A 242 22.95 0.29 9.60
CA ALA A 242 23.10 0.88 10.95
C ALA A 242 24.39 0.41 11.59
N LEU A 243 24.63 -0.89 11.45
CA LEU A 243 25.90 -1.45 11.99
C LEU A 243 27.18 -0.90 11.36
N ALA A 244 27.17 -0.67 10.07
CA ALA A 244 28.29 -0.11 9.36
C ALA A 244 28.54 1.37 9.79
N SER A 245 27.49 2.07 10.26
CA SER A 245 27.61 3.50 10.58
C SER A 245 28.19 3.72 12.01
N TYR A 246 27.90 2.79 12.94
CA TYR A 246 28.25 2.89 14.37
C TYR A 246 28.91 1.61 14.88
N ALA A 247 30.23 1.63 14.95
CA ALA A 247 31.00 0.46 15.45
C ALA A 247 30.44 -0.08 16.74
N GLU A 248 30.05 0.81 17.64
CA GLU A 248 29.63 0.35 18.94
C GLU A 248 28.37 -0.52 18.95
N LEU A 249 27.57 -0.48 17.87
CA LEU A 249 26.38 -1.31 17.84
C LEU A 249 26.71 -2.80 17.55
N ASN A 250 27.92 -3.08 17.16
CA ASN A 250 28.30 -4.43 16.76
C ASN A 250 28.78 -5.21 18.00
N CYS A 251 28.45 -6.50 18.09
CA CYS A 251 28.93 -7.28 19.25
C CYS A 251 30.45 -7.19 19.43
N ASP A 252 31.24 -7.19 18.35
CA ASP A 252 32.72 -7.13 18.47
C ASP A 252 33.27 -5.67 18.46
N GLY A 253 32.36 -4.69 18.41
CA GLY A 253 32.75 -3.29 18.39
C GLY A 253 33.45 -2.86 17.12
N VAL A 254 33.30 -3.63 16.03
CA VAL A 254 33.94 -3.30 14.77
C VAL A 254 32.84 -3.04 13.71
N ALA A 255 32.89 -1.88 13.04
CA ALA A 255 31.90 -1.60 12.00
C ALA A 255 32.21 -2.39 10.72
N PRO A 256 31.23 -3.16 10.23
CA PRO A 256 31.35 -3.84 8.92
C PRO A 256 31.36 -2.83 7.79
N PRO A 257 31.85 -3.21 6.62
CA PRO A 257 31.75 -2.33 5.47
C PRO A 257 30.25 -2.15 5.04
N LEU A 258 29.96 -1.06 4.32
CA LEU A 258 28.63 -0.88 3.74
C LEU A 258 28.36 -2.09 2.80
N TYR A 259 27.12 -2.54 2.75
CA TYR A 259 26.75 -3.70 1.88
C TYR A 259 25.98 -3.24 0.61
N THR A 260 26.40 -3.71 -0.57
CA THR A 260 25.75 -3.33 -1.82
C THR A 260 25.28 -4.58 -2.56
N GLY A 261 25.34 -5.73 -1.89
CA GLY A 261 24.86 -7.00 -2.49
C GLY A 261 23.37 -7.22 -2.23
N THR A 262 22.89 -8.45 -2.49
CA THR A 262 21.48 -8.80 -2.29
C THR A 262 21.25 -10.00 -1.34
N LYS A 263 22.31 -10.47 -0.69
CA LYS A 263 22.13 -11.60 0.21
C LYS A 263 21.37 -11.20 1.48
N VAL A 264 20.82 -12.15 2.24
CA VAL A 264 20.10 -11.84 3.47
C VAL A 264 20.57 -12.70 4.66
N GLY A 265 20.24 -12.24 5.88
CA GLY A 265 20.31 -13.07 7.11
C GLY A 265 21.64 -12.96 7.83
N PHE A 266 22.58 -12.16 7.32
CA PHE A 266 23.95 -12.12 7.86
C PHE A 266 24.13 -11.11 8.97
N SER A 267 23.23 -10.14 9.05
CA SER A 267 23.46 -9.03 10.01
C SER A 267 22.64 -9.19 11.27
N THR A 268 23.16 -8.70 12.42
CA THR A 268 22.37 -8.71 13.64
C THR A 268 22.82 -7.56 14.58
N LEU A 269 21.84 -6.93 15.21
CA LEU A 269 22.13 -6.01 16.35
C LEU A 269 22.65 -6.87 17.50
N CYS A 270 23.28 -6.20 18.46
CA CYS A 270 23.89 -6.93 19.59
C CYS A 270 22.89 -7.00 20.77
N VAL A 271 22.30 -8.17 20.95
CA VAL A 271 21.11 -8.29 21.79
C VAL A 271 21.47 -8.05 23.27
N ASP A 272 22.73 -8.29 23.64
CA ASP A 272 23.09 -8.15 25.06
C ASP A 272 23.94 -6.90 25.40
N LYS A 273 23.89 -5.88 24.55
CA LYS A 273 24.61 -4.60 24.86
C LYS A 273 23.57 -3.54 25.16
N ASP A 274 23.79 -2.78 26.24
CA ASP A 274 22.85 -1.73 26.60
C ASP A 274 22.63 -0.70 25.46
N VAL A 275 23.70 -0.35 24.75
CA VAL A 275 23.67 0.69 23.71
C VAL A 275 22.64 0.37 22.61
N THR A 276 22.46 -0.92 22.38
CA THR A 276 21.50 -1.38 21.39
C THR A 276 20.09 -0.84 21.66
N TYR A 277 19.71 -0.80 22.93
CA TYR A 277 18.34 -0.39 23.28
C TYR A 277 18.23 1.13 23.45
N ASP A 278 19.34 1.79 23.72
CA ASP A 278 19.36 3.24 23.63
C ASP A 278 19.18 3.67 22.17
N PHE A 279 19.91 3.02 21.27
CA PHE A 279 19.81 3.27 19.83
C PHE A 279 18.35 3.04 19.38
N VAL A 280 17.76 1.91 19.74
CA VAL A 280 16.38 1.64 19.29
C VAL A 280 15.40 2.69 19.84
N ASP A 281 15.57 3.00 21.12
CA ASP A 281 14.70 3.99 21.76
C ASP A 281 14.83 5.32 21.01
N ASP A 282 16.06 5.78 20.76
CA ASP A 282 16.27 7.09 20.13
C ASP A 282 15.62 7.08 18.75
N VAL A 283 15.87 6.01 17.99
CA VAL A 283 15.41 5.93 16.59
C VAL A 283 13.88 5.86 16.55
N LEU A 284 13.27 4.96 17.32
CA LEU A 284 11.79 4.83 17.35
C LEU A 284 11.13 6.07 17.95
N GLY A 285 11.80 6.77 18.86
CA GLY A 285 11.21 8.00 19.42
C GLY A 285 11.20 9.07 18.34
N GLU A 286 12.30 9.24 17.60
CA GLU A 286 12.28 10.22 16.50
C GLU A 286 11.32 9.85 15.39
N LEU A 287 11.22 8.55 15.09
CA LEU A 287 10.32 8.12 14.02
C LEU A 287 8.86 8.34 14.47
N ALA A 288 8.55 8.03 15.74
CA ALA A 288 7.19 8.25 16.23
C ALA A 288 6.78 9.72 16.08
N ALA A 289 7.71 10.64 16.34
CA ALA A 289 7.40 12.07 16.28
C ALA A 289 6.98 12.47 14.84
N LEU A 290 7.46 11.69 13.85
CA LEU A 290 7.17 11.95 12.44
C LEU A 290 6.01 11.13 11.90
N THR A 291 5.41 10.32 12.77
CA THR A 291 4.43 9.32 12.39
C THR A 291 3.08 9.63 13.04
N PRO A 292 2.20 10.33 12.33
CA PRO A 292 0.85 10.50 12.93
C PRO A 292 0.02 9.21 12.87
N GLY A 293 0.43 8.24 12.04
CA GLY A 293 -0.27 6.93 11.98
C GLY A 293 -0.12 6.18 13.30
N ARG A 294 -0.89 5.08 13.40
CA ARG A 294 -1.03 4.32 14.64
C ARG A 294 0.08 3.35 14.89
N TYR A 295 0.85 3.01 13.84
CA TYR A 295 1.71 1.84 13.86
C TYR A 295 3.20 2.12 13.67
N LEU A 296 4.04 1.31 14.32
CA LEU A 296 5.46 1.22 13.95
C LEU A 296 5.76 -0.24 13.64
N HIS A 297 6.33 -0.50 12.45
CA HIS A 297 6.68 -1.85 12.02
C HIS A 297 8.18 -2.06 12.43
N ILE A 298 8.44 -3.06 13.24
CA ILE A 298 9.80 -3.33 13.75
C ILE A 298 10.50 -4.50 13.04
N GLY A 299 9.86 -4.99 11.98
CA GLY A 299 10.48 -5.95 11.09
C GLY A 299 10.53 -7.31 11.78
N GLY A 300 11.72 -7.89 11.82
CA GLY A 300 11.88 -9.16 12.58
C GLY A 300 12.10 -10.35 11.68
N ASP A 301 12.14 -10.07 10.38
CA ASP A 301 12.38 -11.10 9.36
C ASP A 301 13.87 -11.46 9.19
N GLN A 302 14.17 -12.75 8.93
CA GLN A 302 15.50 -13.19 8.50
C GLN A 302 16.62 -12.76 9.47
N ALA A 303 16.35 -12.85 10.76
CA ALA A 303 17.41 -12.55 11.73
C ALA A 303 18.22 -13.87 11.87
N HIS A 304 18.81 -14.31 10.76
CA HIS A 304 19.40 -15.66 10.71
C HIS A 304 20.71 -15.74 11.46
N SER A 305 21.23 -14.60 11.87
CA SER A 305 22.44 -14.59 12.70
C SER A 305 22.10 -14.34 14.17
N THR A 306 20.84 -14.38 14.53
CA THR A 306 20.41 -14.12 15.90
C THR A 306 19.85 -15.44 16.42
N PRO A 307 20.49 -16.01 17.44
CA PRO A 307 19.89 -17.25 18.02
C PRO A 307 18.47 -17.05 18.53
N GLN A 308 17.59 -18.08 18.49
CA GLN A 308 16.16 -17.92 18.85
C GLN A 308 15.97 -17.22 20.19
N ALA A 309 16.67 -17.66 21.26
CA ALA A 309 16.42 -17.07 22.57
C ALA A 309 16.84 -15.58 22.58
N ASP A 310 17.87 -15.22 21.82
CA ASP A 310 18.30 -13.78 21.75
C ASP A 310 17.25 -12.97 20.98
N PHE A 311 16.70 -13.59 19.92
CA PHE A 311 15.63 -12.93 19.16
C PHE A 311 14.43 -12.62 20.05
N VAL A 312 14.03 -13.58 20.87
CA VAL A 312 12.93 -13.44 21.80
C VAL A 312 13.25 -12.38 22.83
N ALA A 313 14.48 -12.43 23.39
CA ALA A 313 14.86 -11.41 24.41
C ALA A 313 14.83 -10.00 23.80
N PHE A 314 15.28 -9.91 22.57
CA PHE A 314 15.39 -8.62 21.89
C PHE A 314 13.99 -8.06 21.69
N MET A 315 13.08 -8.86 21.14
CA MET A 315 11.66 -8.41 20.93
C MET A 315 10.91 -8.16 22.20
N LYS A 316 11.25 -8.87 23.28
CA LYS A 316 10.60 -8.60 24.57
C LYS A 316 10.95 -7.19 25.07
N ARG A 317 12.18 -6.77 24.77
CA ARG A 317 12.66 -5.49 25.24
C ARG A 317 12.25 -4.32 24.30
N VAL A 318 12.22 -4.61 22.99
CA VAL A 318 11.81 -3.61 21.98
C VAL A 318 10.28 -3.33 21.90
N GLN A 319 9.39 -4.32 22.02
CA GLN A 319 7.95 -4.02 21.88
C GLN A 319 7.43 -2.94 22.86
N PRO A 320 7.93 -2.94 24.12
CA PRO A 320 7.47 -1.87 25.02
C PRO A 320 7.92 -0.45 24.60
N ILE A 321 9.01 -0.35 23.85
CA ILE A 321 9.46 0.94 23.38
C ILE A 321 8.41 1.49 22.40
N VAL A 322 7.89 0.66 21.47
CA VAL A 322 6.81 1.12 20.59
C VAL A 322 5.63 1.69 21.40
N ALA A 323 5.18 0.96 22.42
CA ALA A 323 4.14 1.44 23.33
C ALA A 323 4.45 2.77 24.04
N LYS A 324 5.68 2.93 24.48
CA LYS A 324 6.15 4.11 25.18
C LYS A 324 5.87 5.33 24.33
N TYR A 325 6.09 5.22 23.01
CA TYR A 325 5.90 6.35 22.10
C TYR A 325 4.48 6.33 21.48
N GLY A 326 3.62 5.49 22.05
CA GLY A 326 2.16 5.60 21.85
C GLY A 326 1.67 4.94 20.58
N LYS A 327 2.36 3.91 20.13
CA LYS A 327 2.06 3.30 18.82
C LYS A 327 1.80 1.83 19.02
N THR A 328 1.32 1.19 17.95
CA THR A 328 1.04 -0.24 17.91
C THR A 328 2.11 -0.96 17.13
N VAL A 329 2.58 -2.07 17.69
CA VAL A 329 3.59 -2.88 17.05
C VAL A 329 3.06 -3.64 15.82
N VAL A 330 3.84 -3.61 14.73
CA VAL A 330 3.64 -4.57 13.67
C VAL A 330 5.01 -5.20 13.45
N GLY A 331 5.05 -6.52 13.25
CA GLY A 331 6.30 -7.22 12.85
C GLY A 331 6.01 -8.27 11.80
N TRP A 332 7.04 -8.71 11.08
CA TRP A 332 6.92 -9.89 10.20
C TRP A 332 6.63 -11.11 11.09
N HIS A 333 6.12 -12.18 10.49
CA HIS A 333 5.43 -13.20 11.32
C HIS A 333 6.41 -14.01 12.22
N GLN A 334 7.72 -13.87 12.00
CA GLN A 334 8.71 -14.38 12.97
C GLN A 334 8.43 -13.91 14.38
N LEU A 335 7.79 -12.73 14.50
CA LEU A 335 7.38 -12.20 15.81
C LEU A 335 6.35 -13.10 16.53
N ALA A 336 5.55 -13.87 15.78
CA ALA A 336 4.49 -14.71 16.37
C ALA A 336 5.07 -15.73 17.34
N GLY A 337 6.31 -16.13 17.07
CA GLY A 337 7.00 -17.16 17.88
C GLY A 337 7.94 -16.57 18.90
N ALA A 338 7.77 -15.28 19.13
CA ALA A 338 8.60 -14.53 20.03
C ALA A 338 7.80 -13.62 20.96
N GLU A 339 6.69 -14.12 21.51
CA GLU A 339 5.86 -13.42 22.48
C GLU A 339 5.36 -12.03 22.03
N PRO A 340 4.43 -12.01 21.05
CA PRO A 340 3.94 -10.71 20.60
C PRO A 340 3.14 -10.10 21.73
N VAL A 341 3.30 -8.80 22.01
CA VAL A 341 2.53 -8.15 23.06
C VAL A 341 1.07 -8.07 22.65
N GLU A 342 0.21 -7.81 23.63
CA GLU A 342 -1.23 -7.67 23.37
C GLU A 342 -1.40 -6.51 22.39
N GLY A 343 -2.17 -6.72 21.31
CA GLY A 343 -2.42 -5.65 20.29
C GLY A 343 -1.40 -5.58 19.14
N ALA A 344 -0.26 -6.22 19.31
CA ALA A 344 0.71 -6.30 18.18
C ALA A 344 0.11 -7.07 17.04
N LEU A 345 0.37 -6.62 15.80
CA LEU A 345 -0.08 -7.33 14.62
C LEU A 345 1.09 -8.02 13.97
N VAL A 346 0.85 -9.20 13.36
CA VAL A 346 1.93 -9.78 12.64
C VAL A 346 1.61 -9.94 11.16
N GLN A 347 2.64 -9.73 10.33
CA GLN A 347 2.53 -9.80 8.89
C GLN A 347 3.08 -11.12 8.35
N TYR A 348 2.18 -11.95 7.85
CA TYR A 348 2.55 -13.26 7.34
C TYR A 348 3.06 -13.18 5.91
N TRP A 349 4.29 -13.59 5.69
CA TRP A 349 4.88 -13.53 4.38
C TRP A 349 5.28 -14.91 3.90
N GLY A 350 4.72 -15.93 4.53
CA GLY A 350 5.03 -17.28 4.08
C GLY A 350 4.36 -17.69 2.77
N LEU A 351 4.54 -18.94 2.40
CA LEU A 351 4.12 -19.42 1.09
C LEU A 351 3.73 -20.89 1.23
N ASP A 352 3.30 -21.52 0.12
CA ASP A 352 2.76 -22.88 0.25
C ASP A 352 3.88 -23.78 0.81
N ARG A 353 5.13 -23.49 0.43
N ARG A 353 5.14 -23.49 0.43
CA ARG A 353 6.27 -24.35 0.79
CA ARG A 353 6.30 -24.32 0.79
C ARG A 353 6.85 -24.07 2.18
C ARG A 353 6.81 -24.10 2.20
N THR A 354 6.29 -23.07 2.88
CA THR A 354 6.62 -22.82 4.27
C THR A 354 6.23 -24.07 5.08
N SER A 355 7.11 -24.48 6.01
N SER A 355 7.13 -24.56 5.93
CA SER A 355 6.83 -25.63 6.91
CA SER A 355 6.88 -25.79 6.70
C SER A 355 5.46 -25.59 7.57
C SER A 355 5.64 -25.66 7.61
N ASP A 356 4.89 -26.77 7.78
CA ASP A 356 3.63 -26.80 8.57
C ASP A 356 3.76 -26.28 9.98
N ALA A 357 4.93 -26.52 10.60
CA ALA A 357 5.11 -26.12 12.01
C ALA A 357 5.13 -24.59 12.06
N GLU A 358 5.72 -23.99 11.03
CA GLU A 358 5.83 -22.52 11.00
C GLU A 358 4.45 -21.90 10.80
N LYS A 359 3.67 -22.41 9.86
CA LYS A 359 2.27 -21.98 9.73
C LYS A 359 1.43 -22.14 11.02
N ALA A 360 1.63 -23.28 11.71
CA ALA A 360 0.87 -23.54 12.96
C ALA A 360 1.26 -22.57 14.06
N GLN A 361 2.50 -22.13 14.10
CA GLN A 361 2.91 -21.12 15.10
CA GLN A 361 2.90 -21.12 15.11
C GLN A 361 2.20 -19.77 14.88
N VAL A 362 2.03 -19.40 13.61
CA VAL A 362 1.32 -18.15 13.32
C VAL A 362 -0.17 -18.34 13.62
N ALA A 363 -0.71 -19.52 13.29
CA ALA A 363 -2.12 -19.80 13.51
C ALA A 363 -2.42 -19.80 15.01
N ALA A 364 -1.49 -20.34 15.82
CA ALA A 364 -1.69 -20.35 17.29
C ALA A 364 -1.74 -18.94 17.83
N ALA A 365 -0.85 -18.06 17.33
CA ALA A 365 -0.84 -16.64 17.75
C ALA A 365 -2.18 -16.01 17.40
N ALA A 366 -2.66 -16.27 16.17
CA ALA A 366 -3.98 -15.76 15.72
C ALA A 366 -5.11 -16.25 16.63
N ARG A 367 -5.05 -17.53 17.01
CA ARG A 367 -6.08 -18.11 17.86
C ARG A 367 -6.01 -17.46 19.20
N ASN A 368 -4.81 -17.00 19.57
CA ASN A 368 -4.60 -16.29 20.81
C ASN A 368 -4.93 -14.78 20.74
N GLY A 369 -5.50 -14.31 19.64
CA GLY A 369 -5.90 -12.89 19.53
C GLY A 369 -4.98 -11.99 18.67
N THR A 370 -3.83 -12.50 18.22
CA THR A 370 -2.85 -11.68 17.45
C THR A 370 -3.46 -11.43 16.06
N GLY A 371 -3.60 -10.16 15.70
CA GLY A 371 -4.11 -9.87 14.35
C GLY A 371 -3.13 -10.21 13.26
N LEU A 372 -3.64 -10.61 12.09
CA LEU A 372 -2.80 -11.07 11.01
C LEU A 372 -2.94 -10.10 9.87
N ILE A 373 -1.81 -9.72 9.28
CA ILE A 373 -1.81 -9.05 7.95
C ILE A 373 -1.26 -10.08 6.98
N LEU A 374 -2.05 -10.41 5.95
CA LEU A 374 -1.63 -11.42 5.00
C LEU A 374 -0.89 -10.89 3.79
N SER A 375 0.35 -11.33 3.58
CA SER A 375 1.06 -10.95 2.38
C SER A 375 1.93 -12.10 1.93
N PRO A 376 1.27 -13.20 1.47
CA PRO A 376 2.05 -14.39 1.22
C PRO A 376 3.03 -14.17 0.06
N ALA A 377 4.24 -14.69 0.19
CA ALA A 377 5.24 -14.38 -0.81
C ALA A 377 4.93 -14.99 -2.16
N ASP A 378 4.12 -16.04 -2.18
CA ASP A 378 3.77 -16.66 -3.49
C ASP A 378 2.37 -16.18 -3.93
N ARG A 379 1.91 -15.07 -3.37
CA ARG A 379 0.64 -14.44 -3.81
C ARG A 379 0.76 -12.93 -4.11
N THR A 380 1.26 -12.16 -3.15
CA THR A 380 1.12 -10.70 -3.23
C THR A 380 2.43 -9.91 -3.22
N TYR A 381 3.55 -10.64 -3.31
CA TYR A 381 4.89 -10.00 -3.49
C TYR A 381 4.98 -9.58 -4.95
N LEU A 382 4.93 -8.27 -5.13
CA LEU A 382 5.03 -7.74 -6.46
C LEU A 382 6.42 -7.80 -7.10
N ASP A 383 7.47 -8.11 -6.30
CA ASP A 383 8.81 -8.32 -6.91
C ASP A 383 9.00 -9.74 -7.42
N MET A 384 8.00 -10.60 -7.20
CA MET A 384 8.07 -11.99 -7.66
C MET A 384 7.80 -12.06 -9.18
N LYS A 385 8.69 -12.75 -9.92
CA LYS A 385 8.54 -12.90 -11.38
CA LYS A 385 8.56 -12.92 -11.38
C LYS A 385 7.22 -13.54 -11.72
N TYR A 386 6.68 -13.15 -12.89
CA TYR A 386 5.38 -13.75 -13.33
C TYR A 386 5.60 -15.17 -13.91
N THR A 387 6.67 -15.30 -14.66
CA THR A 387 7.12 -16.54 -15.31
C THR A 387 8.63 -16.58 -15.31
N LYS A 388 9.20 -17.72 -15.74
CA LYS A 388 10.66 -17.81 -15.87
C LYS A 388 11.24 -16.77 -16.79
N ASP A 389 10.43 -16.16 -17.65
CA ASP A 389 10.99 -15.21 -18.57
C ASP A 389 10.93 -13.74 -18.13
N THR A 390 10.32 -13.50 -16.98
CA THR A 390 10.30 -12.13 -16.48
C THR A 390 11.74 -11.57 -16.27
N PRO A 391 12.07 -10.42 -16.91
CA PRO A 391 13.45 -9.92 -16.83
C PRO A 391 13.83 -9.20 -15.53
N LEU A 392 12.89 -8.98 -14.62
CA LEU A 392 13.16 -8.29 -13.37
C LEU A 392 12.55 -9.16 -12.31
N GLY A 393 12.79 -8.85 -11.05
CA GLY A 393 12.13 -9.57 -9.98
C GLY A 393 12.89 -10.83 -9.52
N LEU A 394 12.34 -11.51 -8.54
CA LEU A 394 12.96 -12.70 -7.99
C LEU A 394 12.04 -13.91 -8.22
N SER A 395 12.53 -15.14 -7.95
CA SER A 395 11.66 -16.30 -8.04
C SER A 395 11.84 -17.22 -6.89
N TRP A 396 12.35 -16.71 -5.78
CA TRP A 396 12.56 -17.57 -4.61
C TRP A 396 11.28 -18.18 -4.11
N ALA A 397 10.15 -17.50 -4.30
CA ALA A 397 8.87 -18.02 -3.81
C ALA A 397 8.13 -18.73 -4.97
N GLY A 398 8.85 -19.08 -6.02
CA GLY A 398 8.28 -19.61 -7.30
C GLY A 398 7.76 -18.48 -8.14
N TYR A 399 6.90 -18.81 -9.11
CA TYR A 399 6.41 -17.82 -10.08
C TYR A 399 4.99 -17.50 -9.76
N VAL A 400 4.58 -16.24 -9.98
CA VAL A 400 3.29 -15.80 -9.52
C VAL A 400 2.64 -15.00 -10.65
N GLU A 401 1.89 -15.71 -11.47
CA GLU A 401 1.10 -15.02 -12.50
C GLU A 401 -0.10 -14.23 -11.91
N VAL A 402 -0.77 -13.50 -12.78
CA VAL A 402 -1.89 -12.68 -12.35
C VAL A 402 -3.00 -13.46 -11.64
N ARG A 403 -3.42 -14.61 -12.18
CA ARG A 403 -4.53 -15.35 -11.59
C ARG A 403 -4.09 -15.81 -10.20
N ARG A 404 -2.86 -16.32 -10.08
CA ARG A 404 -2.39 -16.81 -8.74
C ARG A 404 -2.43 -15.71 -7.69
N SER A 405 -2.02 -14.50 -8.07
CA SER A 405 -2.05 -13.40 -7.15
C SER A 405 -3.46 -13.03 -6.64
N TYR A 406 -4.48 -13.16 -7.52
CA TYR A 406 -5.83 -12.74 -7.21
C TYR A 406 -6.64 -13.85 -6.56
N ASP A 407 -6.40 -15.07 -6.99
CA ASP A 407 -7.46 -16.08 -6.81
C ASP A 407 -7.35 -16.87 -5.53
N TRP A 408 -7.58 -16.22 -4.41
CA TRP A 408 -7.59 -16.86 -3.09
C TRP A 408 -8.47 -16.07 -2.16
N ASP A 409 -8.75 -16.63 -0.98
CA ASP A 409 -9.61 -15.99 -0.03
C ASP A 409 -8.89 -15.77 1.27
N PRO A 410 -8.61 -14.48 1.64
CA PRO A 410 -7.98 -14.17 2.93
C PRO A 410 -8.68 -14.84 4.16
N ALA A 411 -10.01 -15.01 4.11
CA ALA A 411 -10.70 -15.55 5.30
C ALA A 411 -10.54 -17.09 5.40
N ALA A 412 -10.01 -17.69 4.36
CA ALA A 412 -9.96 -19.16 4.32
C ALA A 412 -8.65 -19.50 3.68
N TYR A 413 -7.56 -19.10 4.34
CA TYR A 413 -6.29 -19.22 3.71
C TYR A 413 -5.26 -19.90 4.59
N LEU A 414 -5.06 -19.38 5.80
CA LEU A 414 -3.99 -19.94 6.67
C LEU A 414 -4.67 -20.98 7.58
N PRO A 415 -4.29 -22.25 7.46
CA PRO A 415 -5.02 -23.28 8.26
C PRO A 415 -4.91 -23.05 9.75
N GLY A 416 -6.01 -23.22 10.47
CA GLY A 416 -6.03 -23.07 11.93
C GLY A 416 -6.17 -21.65 12.42
N ALA A 417 -6.08 -20.65 11.50
CA ALA A 417 -6.26 -19.27 11.88
C ALA A 417 -7.72 -18.89 11.75
N PRO A 418 -8.31 -18.28 12.79
CA PRO A 418 -9.72 -17.84 12.84
C PRO A 418 -9.87 -16.74 11.80
N ALA A 419 -10.97 -16.72 11.07
CA ALA A 419 -11.15 -15.66 10.05
C ALA A 419 -11.14 -14.25 10.63
N GLU A 420 -11.64 -14.07 11.86
CA GLU A 420 -11.72 -12.78 12.49
C GLU A 420 -10.32 -12.28 12.92
N ALA A 421 -9.30 -13.11 12.81
CA ALA A 421 -7.95 -12.62 13.16
C ALA A 421 -7.34 -11.85 11.96
N VAL A 422 -7.90 -12.09 10.77
CA VAL A 422 -7.34 -11.50 9.53
C VAL A 422 -7.79 -10.02 9.50
N ARG A 423 -6.83 -9.11 9.55
CA ARG A 423 -7.10 -7.68 9.58
C ARG A 423 -7.12 -7.17 8.14
N GLY A 424 -6.54 -7.94 7.24
CA GLY A 424 -6.41 -7.44 5.86
C GLY A 424 -5.17 -7.98 5.16
N VAL A 425 -4.76 -7.30 4.10
CA VAL A 425 -3.77 -7.84 3.19
C VAL A 425 -2.77 -6.73 2.86
N GLU A 426 -1.60 -7.14 2.37
CA GLU A 426 -0.60 -6.18 1.90
C GLU A 426 0.02 -6.72 0.62
N ALA A 427 0.36 -5.80 -0.29
CA ALA A 427 1.13 -6.14 -1.51
C ALA A 427 2.53 -5.47 -1.40
N PRO A 428 3.54 -6.18 -0.92
CA PRO A 428 4.88 -5.62 -0.82
C PRO A 428 5.62 -5.59 -2.16
N LEU A 429 6.35 -4.51 -2.38
CA LEU A 429 7.24 -4.41 -3.54
C LEU A 429 8.67 -4.21 -3.06
N TRP A 430 9.47 -5.27 -3.10
CA TRP A 430 10.89 -5.26 -2.68
C TRP A 430 11.73 -4.84 -3.87
N THR A 431 12.88 -4.22 -3.61
CA THR A 431 13.60 -3.55 -4.71
C THR A 431 15.07 -3.98 -4.96
N GLU A 432 15.43 -5.23 -4.56
CA GLU A 432 16.75 -5.75 -4.96
C GLU A 432 17.02 -5.52 -6.46
N THR A 433 16.00 -5.66 -7.31
CA THR A 433 16.22 -5.69 -8.75
C THR A 433 15.66 -4.49 -9.51
N LEU A 434 15.03 -3.56 -8.78
CA LEU A 434 14.27 -2.44 -9.41
C LEU A 434 14.91 -1.12 -9.04
N SER A 435 15.29 -0.33 -10.04
CA SER A 435 16.09 0.85 -9.79
C SER A 435 15.53 2.08 -10.55
N ASP A 436 14.30 1.99 -11.04
CA ASP A 436 13.71 3.22 -11.58
C ASP A 436 12.19 3.06 -11.51
N PRO A 437 11.45 4.15 -11.65
CA PRO A 437 10.00 4.05 -11.40
C PRO A 437 9.24 3.27 -12.45
N ASP A 438 9.72 3.20 -13.68
CA ASP A 438 9.06 2.33 -14.67
C ASP A 438 9.18 0.83 -14.31
N GLN A 439 10.32 0.43 -13.75
CA GLN A 439 10.48 -0.99 -13.36
C GLN A 439 9.54 -1.22 -12.22
N LEU A 440 9.36 -0.22 -11.34
CA LEU A 440 8.39 -0.40 -10.28
C LEU A 440 7.01 -0.66 -10.87
N ASP A 441 6.61 0.13 -11.87
CA ASP A 441 5.28 -0.07 -12.46
C ASP A 441 5.13 -1.44 -13.15
N PHE A 442 6.16 -1.86 -13.90
CA PHE A 442 6.10 -3.12 -14.61
C PHE A 442 5.88 -4.29 -13.66
N MET A 443 6.45 -4.24 -12.46
CA MET A 443 6.24 -5.33 -11.47
C MET A 443 4.99 -5.16 -10.62
N ALA A 444 4.58 -3.90 -10.36
CA ALA A 444 3.37 -3.63 -9.60
C ALA A 444 2.07 -3.94 -10.38
N PHE A 445 2.07 -3.64 -11.67
CA PHE A 445 0.88 -3.78 -12.55
C PHE A 445 1.09 -4.94 -13.51
N PRO A 446 0.12 -5.86 -13.61
CA PRO A 446 -1.29 -5.65 -13.23
C PRO A 446 -1.76 -6.31 -11.92
N ARG A 447 -0.85 -6.82 -11.07
CA ARG A 447 -1.29 -7.49 -9.82
C ARG A 447 -1.73 -6.57 -8.71
N LEU A 448 -1.22 -5.34 -8.69
CA LEU A 448 -1.60 -4.40 -7.62
C LEU A 448 -3.14 -4.23 -7.40
N PRO A 449 -3.92 -4.02 -8.47
CA PRO A 449 -5.38 -3.88 -8.27
C PRO A 449 -6.03 -5.16 -7.67
N GLY A 450 -5.47 -6.32 -7.99
CA GLY A 450 -6.07 -7.58 -7.53
C GLY A 450 -5.96 -7.67 -6.04
N VAL A 451 -4.82 -7.22 -5.49
CA VAL A 451 -4.65 -7.34 -4.03
C VAL A 451 -5.51 -6.31 -3.35
N ALA A 452 -5.68 -5.15 -3.99
CA ALA A 452 -6.59 -4.15 -3.45
C ALA A 452 -8.05 -4.71 -3.39
N GLU A 453 -8.42 -5.45 -4.43
CA GLU A 453 -9.78 -6.04 -4.50
C GLU A 453 -9.93 -7.11 -3.37
N LEU A 454 -8.86 -7.88 -3.12
CA LEU A 454 -8.89 -8.77 -1.94
C LEU A 454 -9.14 -8.03 -0.67
N GLY A 455 -8.46 -6.89 -0.48
CA GLY A 455 -8.70 -6.13 0.70
C GLY A 455 -10.10 -5.55 0.82
N TRP A 456 -10.65 -5.11 -0.33
CA TRP A 456 -11.82 -4.25 -0.31
C TRP A 456 -13.17 -4.98 -0.54
N SER A 457 -13.21 -5.85 -1.55
CA SER A 457 -14.52 -6.30 -2.08
C SER A 457 -15.13 -7.43 -1.26
N PRO A 458 -16.45 -7.57 -1.35
CA PRO A 458 -17.03 -8.72 -0.60
C PRO A 458 -16.64 -10.06 -1.22
N ALA A 459 -16.54 -11.11 -0.40
CA ALA A 459 -16.23 -12.43 -0.95
C ALA A 459 -17.18 -12.88 -2.08
N SER A 460 -18.43 -12.49 -1.96
CA SER A 460 -19.47 -12.85 -2.98
C SER A 460 -19.16 -12.31 -4.37
N THR A 461 -18.38 -11.22 -4.48
CA THR A 461 -17.97 -10.69 -5.79
C THR A 461 -16.75 -11.36 -6.37
N HIS A 462 -16.09 -12.21 -5.60
CA HIS A 462 -14.79 -12.76 -6.06
C HIS A 462 -14.93 -13.84 -7.13
N ASP A 463 -14.30 -13.64 -8.27
CA ASP A 463 -14.44 -14.59 -9.36
C ASP A 463 -13.46 -14.24 -10.44
N TRP A 464 -12.54 -15.14 -10.77
CA TRP A 464 -11.48 -14.82 -11.69
C TRP A 464 -12.02 -14.47 -13.07
N ASP A 465 -12.95 -15.30 -13.55
CA ASP A 465 -13.41 -15.15 -14.92
C ASP A 465 -14.01 -13.76 -15.20
N THR A 466 -14.71 -13.19 -14.24
CA THR A 466 -15.27 -11.88 -14.44
C THR A 466 -14.28 -10.75 -14.02
N TYR A 467 -13.47 -11.03 -13.01
CA TYR A 467 -12.46 -10.06 -12.62
C TYR A 467 -11.49 -9.77 -13.75
N LYS A 468 -11.01 -10.79 -14.44
CA LYS A 468 -10.05 -10.55 -15.51
C LYS A 468 -10.55 -9.59 -16.61
N VAL A 469 -11.87 -9.56 -16.83
CA VAL A 469 -12.42 -8.63 -17.80
C VAL A 469 -12.39 -7.23 -17.24
N ARG A 470 -12.68 -7.05 -15.95
CA ARG A 470 -12.56 -5.76 -15.29
C ARG A 470 -11.07 -5.29 -15.35
N LEU A 471 -10.15 -6.23 -15.19
CA LEU A 471 -8.72 -5.93 -15.20
C LEU A 471 -8.27 -5.50 -16.60
N ALA A 472 -8.73 -6.22 -17.64
CA ALA A 472 -8.37 -5.85 -19.02
C ALA A 472 -8.84 -4.45 -19.30
N GLY A 473 -9.98 -4.09 -18.71
CA GLY A 473 -10.61 -2.74 -18.88
C GLY A 473 -9.72 -1.61 -18.32
N GLN A 474 -8.75 -1.93 -17.46
CA GLN A 474 -7.88 -0.89 -16.88
C GLN A 474 -6.77 -0.47 -17.85
N ALA A 475 -6.41 -1.35 -18.77
CA ALA A 475 -5.20 -1.13 -19.62
C ALA A 475 -5.20 0.22 -20.38
N PRO A 476 -6.33 0.58 -21.03
CA PRO A 476 -6.28 1.90 -21.73
C PRO A 476 -6.11 3.04 -20.75
N HIS A 477 -6.58 2.90 -19.51
CA HIS A 477 -6.42 3.95 -18.53
C HIS A 477 -4.94 4.04 -18.14
N TRP A 478 -4.33 2.90 -17.89
CA TRP A 478 -2.90 2.90 -17.55
C TRP A 478 -2.09 3.48 -18.72
N GLU A 479 -2.53 3.22 -19.96
CA GLU A 479 -1.73 3.75 -21.12
C GLU A 479 -1.81 5.29 -21.10
N ALA A 480 -2.99 5.84 -20.78
CA ALA A 480 -3.17 7.30 -20.74
C ALA A 480 -2.40 7.88 -19.58
N MET A 481 -2.21 7.06 -18.53
CA MET A 481 -1.55 7.52 -17.30
C MET A 481 -0.04 7.36 -17.37
N GLY A 482 0.44 6.67 -18.40
CA GLY A 482 1.89 6.50 -18.55
C GLY A 482 2.45 5.35 -17.71
N ILE A 483 1.62 4.36 -17.44
CA ILE A 483 2.02 3.25 -16.52
C ILE A 483 2.38 2.02 -17.34
N ASP A 484 3.65 1.54 -17.23
CA ASP A 484 4.04 0.32 -17.89
C ASP A 484 3.45 -0.84 -17.10
N TYR A 485 3.16 -1.95 -17.76
CA TYR A 485 2.57 -3.05 -17.05
C TYR A 485 2.85 -4.32 -17.79
N TYR A 486 2.73 -5.44 -17.10
CA TYR A 486 2.96 -6.72 -17.72
C TYR A 486 1.66 -7.15 -18.43
N ARG A 487 1.77 -7.29 -19.75
CA ARG A 487 0.59 -7.76 -20.55
C ARG A 487 0.36 -9.27 -20.46
N SER A 488 -0.12 -9.77 -19.31
CA SER A 488 -0.17 -11.20 -19.05
C SER A 488 -1.05 -11.94 -20.10
N PRO A 489 -0.60 -13.11 -20.55
CA PRO A 489 -1.45 -13.86 -21.51
C PRO A 489 -2.72 -14.39 -20.82
N GLN A 490 -2.77 -14.39 -19.49
CA GLN A 490 -4.00 -14.75 -18.79
C GLN A 490 -5.19 -13.80 -18.89
N VAL A 491 -4.95 -12.56 -19.31
CA VAL A 491 -5.94 -11.52 -19.18
C VAL A 491 -6.36 -11.16 -20.62
N PRO A 492 -7.67 -10.98 -20.84
CA PRO A 492 -8.12 -10.80 -22.24
C PRO A 492 -8.02 -9.31 -22.65
N TRP A 493 -6.80 -8.77 -22.71
CA TRP A 493 -6.57 -7.35 -23.14
C TRP A 493 -7.26 -7.09 -24.49
N THR A 494 -7.82 -5.91 -24.67
CA THR A 494 -8.49 -5.55 -25.92
C THR A 494 -7.45 -4.88 -26.81
#